data_4B4N
#
_entry.id   4B4N
#
_cell.length_a   40.560
_cell.length_b   46.360
_cell.length_c   80.820
_cell.angle_alpha   90.00
_cell.angle_beta   90.00
_cell.angle_gamma   90.00
#
_symmetry.space_group_name_H-M   'P 21 21 21'
#
loop_
_entity.id
_entity.type
_entity.pdbx_description
1 polymer 'GAG PROTEIN'
2 polymer 'CLEAVAGE AND POLYADENYLATION SPECIFICITY FACTOR SUBUNIT 6'
3 water water
#
loop_
_entity_poly.entity_id
_entity_poly.type
_entity_poly.pdbx_seq_one_letter_code
_entity_poly.pdbx_strand_id
1 'polypeptide(L)'
;PIVQNLQGQMVHQAISPRTLNAWVKVVEEKAFSPEVIPMFSALSEGATPQDLNTMLNTVGGHQAAMQMLKETINEEAAEW
DRLHPVHAGPIAPGQMREPRGSDIAGTTSTLQEQIGWMTHNPPIPVGEIYKRWIILGLNKIVRMYS
;
A
2 'polypeptide(L)' PVLFPGQPFGQPPLG B
#
# COMPACT_ATOMS: atom_id res chain seq x y z
N PRO A 1 7.29 -5.68 -6.95
CA PRO A 1 8.26 -5.03 -6.10
C PRO A 1 9.51 -4.63 -6.85
N ILE A 2 10.33 -3.78 -6.21
CA ILE A 2 11.68 -3.46 -6.64
C ILE A 2 12.61 -4.33 -5.83
N VAL A 3 13.33 -5.18 -6.53
CA VAL A 3 14.29 -6.12 -5.92
C VAL A 3 15.70 -5.90 -6.49
N GLN A 4 16.71 -6.28 -5.71
CA GLN A 4 18.07 -6.40 -6.20
C GLN A 4 18.18 -7.73 -6.95
N ASN A 5 18.63 -7.69 -8.19
CA ASN A 5 18.82 -8.89 -8.95
C ASN A 5 20.22 -9.44 -8.69
N LEU A 6 20.61 -10.45 -9.45
CA LEU A 6 21.92 -11.07 -9.28
C LEU A 6 23.10 -10.13 -9.63
N GLN A 7 22.99 -9.38 -10.72
CA GLN A 7 24.02 -8.38 -11.06
C GLN A 7 24.15 -7.28 -9.98
N GLY A 8 23.19 -7.17 -9.06
CA GLY A 8 23.15 -6.07 -8.07
C GLY A 8 22.33 -4.83 -8.52
N GLN A 9 21.57 -4.96 -9.62
CA GLN A 9 20.72 -3.85 -10.09
C GLN A 9 19.35 -3.91 -9.40
N MET A 10 18.77 -2.74 -9.10
CA MET A 10 17.42 -2.64 -8.55
C MET A 10 16.48 -2.69 -9.74
N VAL A 11 15.69 -3.76 -9.83
CA VAL A 11 14.80 -3.99 -10.97
C VAL A 11 13.37 -4.24 -10.49
N HIS A 12 12.42 -3.96 -11.34
CA HIS A 12 10.99 -4.19 -11.03
C HIS A 12 10.59 -5.60 -11.49
N GLN A 13 9.84 -6.31 -10.64
CA GLN A 13 9.17 -7.56 -10.98
C GLN A 13 7.71 -7.47 -10.57
N ALA A 14 6.79 -8.01 -11.35
CA ALA A 14 5.37 -8.07 -10.92
C ALA A 14 5.24 -8.79 -9.60
N ILE A 15 4.26 -8.38 -8.80
CA ILE A 15 3.95 -9.13 -7.60
C ILE A 15 3.54 -10.52 -8.10
N SER A 16 4.04 -11.53 -7.44
CA SER A 16 3.88 -12.92 -7.94
C SER A 16 2.56 -13.55 -7.47
N PRO A 17 1.95 -14.42 -8.32
CA PRO A 17 0.72 -15.10 -7.91
C PRO A 17 0.92 -15.89 -6.61
N ARG A 18 2.11 -16.41 -6.36
CA ARG A 18 2.44 -17.07 -5.09
C ARG A 18 2.18 -16.17 -3.85
N THR A 19 2.92 -15.08 -3.80
CA THR A 19 2.76 -13.99 -2.81
C THR A 19 1.29 -13.65 -2.57
N LEU A 20 0.53 -13.45 -3.65
CA LEU A 20 -0.85 -12.99 -3.55
C LEU A 20 -1.70 -14.10 -2.92
N ASN A 21 -1.36 -15.37 -3.20
CA ASN A 21 -2.09 -16.51 -2.67
C ASN A 21 -1.87 -16.69 -1.18
N ALA A 22 -0.61 -16.46 -0.78
CA ALA A 22 -0.21 -16.45 0.62
C ALA A 22 -0.95 -15.35 1.36
N TRP A 23 -1.02 -14.17 0.75
CA TRP A 23 -1.72 -13.05 1.38
C TRP A 23 -3.22 -13.37 1.54
N VAL A 24 -3.79 -14.06 0.55
CA VAL A 24 -5.19 -14.49 0.63
C VAL A 24 -5.42 -15.43 1.81
N LYS A 25 -4.48 -16.34 2.06
CA LYS A 25 -4.63 -17.27 3.16
C LYS A 25 -4.46 -16.60 4.49
N VAL A 26 -3.49 -15.69 4.58
CA VAL A 26 -3.26 -14.95 5.80
C VAL A 26 -4.59 -14.37 6.29
N VAL A 27 -5.30 -13.70 5.39
CA VAL A 27 -6.46 -12.92 5.78
C VAL A 27 -7.57 -13.89 6.16
N GLU A 28 -7.79 -14.83 5.26
CA GLU A 28 -8.76 -15.91 5.47
C GLU A 28 -8.61 -16.62 6.84
N GLU A 29 -7.42 -17.09 7.18
CA GLU A 29 -7.23 -17.83 8.40
C GLU A 29 -7.19 -16.98 9.64
N LYS A 30 -6.40 -15.91 9.58
CA LYS A 30 -5.99 -15.17 10.76
C LYS A 30 -6.92 -13.96 11.02
N ALA A 31 -7.69 -13.55 10.00
CA ALA A 31 -8.53 -12.33 10.03
C ALA A 31 -7.63 -11.15 10.43
N PHE A 32 -7.74 -10.65 11.68
CA PHE A 32 -6.89 -9.52 12.16
C PHE A 32 -6.29 -9.75 13.56
N SER A 33 -5.62 -10.89 13.70
CA SER A 33 -4.83 -11.20 14.87
C SER A 33 -3.49 -10.45 14.76
N PRO A 34 -2.71 -10.34 15.87
CA PRO A 34 -1.46 -9.54 15.81
C PRO A 34 -0.52 -9.90 14.65
N GLU A 35 -0.41 -11.20 14.35
CA GLU A 35 0.49 -11.76 13.32
C GLU A 35 0.14 -11.51 11.83
N VAL A 36 -1.01 -10.92 11.57
CA VAL A 36 -1.38 -10.52 10.21
C VAL A 36 -0.41 -9.43 9.71
N ILE A 37 0.00 -8.56 10.62
CA ILE A 37 0.88 -7.46 10.24
C ILE A 37 2.29 -7.95 9.89
N PRO A 38 2.86 -8.86 10.69
CA PRO A 38 4.15 -9.39 10.28
C PRO A 38 4.12 -10.12 8.93
N MET A 39 3.06 -10.88 8.69
CA MET A 39 2.85 -11.57 7.41
C MET A 39 2.77 -10.52 6.28
N PHE A 40 1.90 -9.52 6.45
CA PHE A 40 1.75 -8.45 5.43
C PHE A 40 3.10 -7.80 5.03
N SER A 41 3.86 -7.44 6.06
CA SER A 41 5.15 -6.77 5.89
C SER A 41 6.13 -7.70 5.16
N ALA A 42 6.22 -8.95 5.62
CA ALA A 42 7.10 -9.92 4.97
C ALA A 42 6.70 -10.13 3.46
N LEU A 43 5.40 -10.20 3.17
CA LEU A 43 4.94 -10.45 1.80
C LEU A 43 5.05 -9.25 0.89
N SER A 44 5.29 -8.08 1.47
CA SER A 44 5.28 -6.86 0.67
C SER A 44 6.67 -6.17 0.65
N GLU A 45 7.72 -6.95 0.85
CA GLU A 45 9.10 -6.46 0.75
C GLU A 45 9.32 -5.79 -0.59
N GLY A 46 9.80 -4.55 -0.58
CA GLY A 46 10.07 -3.83 -1.85
C GLY A 46 8.84 -3.43 -2.69
N ALA A 47 7.62 -3.54 -2.13
CA ALA A 47 6.39 -3.37 -2.88
C ALA A 47 6.27 -1.97 -3.41
N THR A 48 5.71 -1.85 -4.61
CA THR A 48 5.32 -0.54 -5.16
C THR A 48 3.92 -0.25 -4.60
N PRO A 49 3.45 1.01 -4.70
CA PRO A 49 2.01 1.23 -4.38
C PRO A 49 1.06 0.36 -5.21
N GLN A 50 1.37 0.13 -6.49
CA GLN A 50 0.56 -0.80 -7.31
C GLN A 50 0.42 -2.21 -6.66
N ASP A 51 1.54 -2.76 -6.22
CA ASP A 51 1.61 -4.02 -5.53
C ASP A 51 0.74 -4.05 -4.31
N LEU A 52 0.89 -3.03 -3.47
CA LEU A 52 0.14 -2.93 -2.24
C LEU A 52 -1.37 -2.90 -2.48
N ASN A 53 -1.82 -2.15 -3.49
CA ASN A 53 -3.25 -2.09 -3.77
C ASN A 53 -3.82 -3.41 -4.32
N THR A 54 -2.99 -4.14 -5.05
CA THR A 54 -3.35 -5.51 -5.49
C THR A 54 -3.58 -6.42 -4.28
N MET A 55 -2.70 -6.32 -3.26
CA MET A 55 -2.87 -7.07 -2.04
C MET A 55 -4.13 -6.67 -1.27
N LEU A 56 -4.33 -5.36 -1.18
CA LEU A 56 -5.48 -4.83 -0.40
C LEU A 56 -6.84 -5.21 -0.96
N ASN A 57 -6.92 -5.19 -2.27
CA ASN A 57 -8.15 -5.49 -2.96
C ASN A 57 -8.55 -6.95 -2.95
N THR A 58 -7.67 -7.83 -2.48
CA THR A 58 -7.99 -9.24 -2.35
C THR A 58 -8.80 -9.47 -1.06
N VAL A 59 -8.78 -8.49 -0.17
CA VAL A 59 -9.48 -8.63 1.09
C VAL A 59 -10.97 -8.57 0.77
N GLY A 60 -11.65 -9.69 0.99
CA GLY A 60 -13.11 -9.73 0.91
C GLY A 60 -13.67 -9.89 2.29
N GLY A 61 -14.90 -9.40 2.47
CA GLY A 61 -15.72 -9.74 3.65
C GLY A 61 -15.29 -9.17 5.00
N HIS A 62 -14.73 -7.96 4.99
CA HIS A 62 -14.27 -7.36 6.24
C HIS A 62 -14.52 -5.87 6.15
N GLN A 63 -15.71 -5.54 5.67
CA GLN A 63 -16.03 -4.25 5.07
C GLN A 63 -15.78 -3.04 5.99
N ALA A 64 -16.10 -3.20 7.28
CA ALA A 64 -15.88 -2.11 8.23
C ALA A 64 -14.38 -1.82 8.40
N ALA A 65 -13.62 -2.86 8.72
CA ALA A 65 -12.14 -2.80 8.75
C ALA A 65 -11.53 -2.09 7.56
N MET A 66 -11.91 -2.51 6.36
CA MET A 66 -11.31 -1.93 5.15
C MET A 66 -11.70 -0.45 4.99
N GLN A 67 -12.81 -0.06 5.60
CA GLN A 67 -13.23 1.34 5.62
C GLN A 67 -12.36 2.15 6.59
N MET A 68 -11.97 1.52 7.69
CA MET A 68 -11.08 2.10 8.65
C MET A 68 -9.72 2.30 8.03
N LEU A 69 -9.30 1.32 7.24
CA LEU A 69 -8.06 1.42 6.51
C LEU A 69 -8.06 2.58 5.52
N LYS A 70 -9.12 2.72 4.75
CA LYS A 70 -9.27 3.90 3.85
C LYS A 70 -9.21 5.24 4.60
N GLU A 71 -9.92 5.33 5.72
CA GLU A 71 -9.88 6.52 6.60
C GLU A 71 -8.44 6.89 6.96
N THR A 72 -7.64 5.89 7.33
CA THR A 72 -6.24 6.15 7.72
C THR A 72 -5.46 6.64 6.52
N ILE A 73 -5.65 5.98 5.37
CA ILE A 73 -4.95 6.43 4.16
C ILE A 73 -5.28 7.89 3.79
N ASN A 74 -6.57 8.22 3.87
CA ASN A 74 -7.00 9.56 3.57
C ASN A 74 -6.36 10.56 4.53
N GLU A 75 -6.29 10.20 5.82
CA GLU A 75 -5.71 11.11 6.83
C GLU A 75 -4.24 11.33 6.58
N GLU A 76 -3.52 10.24 6.38
CA GLU A 76 -2.10 10.32 6.09
C GLU A 76 -1.81 11.06 4.78
N ALA A 77 -2.60 10.81 3.74
CA ALA A 77 -2.42 11.47 2.47
C ALA A 77 -2.66 13.00 2.58
N ALA A 78 -3.73 13.39 3.26
CA ALA A 78 -4.01 14.80 3.52
C ALA A 78 -2.85 15.53 4.27
N GLU A 79 -2.31 14.92 5.33
CA GLU A 79 -1.17 15.45 6.05
C GLU A 79 0.09 15.50 5.17
N TRP A 80 0.30 14.48 4.35
CA TRP A 80 1.41 14.51 3.38
C TRP A 80 1.32 15.77 2.52
N ASP A 81 0.17 16.00 1.92
CA ASP A 81 -0.01 17.15 1.01
C ASP A 81 0.25 18.47 1.72
N ARG A 82 -0.26 18.56 2.94
CA ARG A 82 -0.14 19.80 3.75
C ARG A 82 1.35 20.07 4.09
N LEU A 83 2.15 19.01 4.22
CA LEU A 83 3.56 19.11 4.59
C LEU A 83 4.54 19.10 3.38
N HIS A 84 3.97 19.07 2.18
CA HIS A 84 4.70 19.10 0.91
C HIS A 84 3.99 20.11 0.07
N PRO A 85 4.34 21.39 0.29
CA PRO A 85 3.68 22.45 -0.44
C PRO A 85 3.81 22.23 -1.99
N VAL A 86 2.73 22.42 -2.73
CA VAL A 86 2.72 22.15 -4.19
C VAL A 86 3.59 23.14 -5.02
N ARG A 97 8.28 15.40 -11.56
CA ARG A 97 7.13 15.83 -10.68
C ARG A 97 7.21 15.07 -9.33
N GLU A 98 6.99 15.78 -8.23
CA GLU A 98 7.05 15.19 -6.88
C GLU A 98 5.66 14.62 -6.54
N PRO A 99 5.62 13.48 -5.81
CA PRO A 99 4.34 12.84 -5.55
C PRO A 99 3.45 13.56 -4.55
N ARG A 100 2.15 13.54 -4.83
CA ARG A 100 1.15 13.92 -3.88
C ARG A 100 0.66 12.73 -3.08
N GLY A 101 -0.16 12.98 -2.05
CA GLY A 101 -0.75 11.87 -1.26
C GLY A 101 -1.43 10.81 -2.15
N SER A 102 -2.19 11.25 -3.16
CA SER A 102 -2.85 10.32 -4.09
C SER A 102 -1.88 9.52 -4.97
N ASP A 103 -0.77 10.15 -5.31
CA ASP A 103 0.32 9.48 -5.99
C ASP A 103 0.97 8.40 -5.13
N ILE A 104 1.24 8.69 -3.85
CA ILE A 104 1.74 7.67 -2.90
C ILE A 104 0.77 6.47 -2.74
N ALA A 105 -0.52 6.75 -2.70
CA ALA A 105 -1.53 5.73 -2.58
C ALA A 105 -1.85 5.02 -3.90
N GLY A 106 -1.18 5.44 -4.97
CA GLY A 106 -1.35 4.85 -6.30
C GLY A 106 -2.61 5.14 -7.10
N THR A 107 -3.50 5.99 -6.61
CA THR A 107 -4.72 6.25 -7.38
C THR A 107 -4.48 7.17 -8.60
N THR A 108 -3.48 8.02 -8.51
CA THR A 108 -3.20 9.01 -9.53
C THR A 108 -1.83 8.95 -10.15
N SER A 109 -1.04 7.93 -9.79
CA SER A 109 0.27 7.78 -10.37
C SER A 109 0.36 6.49 -11.21
N THR A 110 1.30 6.48 -12.13
CA THR A 110 1.53 5.32 -12.98
C THR A 110 2.58 4.43 -12.30
N LEU A 111 2.67 3.18 -12.70
CA LEU A 111 3.72 2.33 -12.25
C LEU A 111 5.06 2.88 -12.61
N GLN A 112 5.20 3.43 -13.82
CA GLN A 112 6.52 3.99 -14.14
C GLN A 112 6.86 5.17 -13.27
N GLU A 113 5.89 6.03 -12.94
CA GLU A 113 6.14 7.12 -11.94
C GLU A 113 6.61 6.59 -10.60
N GLN A 114 5.91 5.56 -10.14
CA GLN A 114 6.24 4.94 -8.86
C GLN A 114 7.65 4.38 -8.86
N ILE A 115 8.00 3.64 -9.92
CA ILE A 115 9.37 3.13 -10.06
C ILE A 115 10.38 4.28 -10.13
N GLY A 116 10.00 5.37 -10.84
CA GLY A 116 10.83 6.56 -11.01
C GLY A 116 11.16 7.21 -9.64
N TRP A 117 10.16 7.34 -8.79
CA TRP A 117 10.38 7.86 -7.41
C TRP A 117 11.20 6.90 -6.56
N MET A 118 10.83 5.62 -6.62
CA MET A 118 11.45 4.61 -5.80
C MET A 118 12.93 4.47 -6.10
N THR A 119 13.31 4.69 -7.36
CA THR A 119 14.72 4.55 -7.80
C THR A 119 15.33 5.94 -8.01
N HIS A 120 14.67 6.98 -7.49
CA HIS A 120 15.23 8.34 -7.59
C HIS A 120 16.51 8.43 -6.73
N ASN A 121 17.35 9.41 -7.05
CA ASN A 121 18.63 9.61 -6.37
C ASN A 121 18.64 10.95 -5.57
N PRO A 122 18.42 10.90 -4.24
CA PRO A 122 18.04 9.76 -3.37
C PRO A 122 16.57 9.36 -3.51
N PRO A 123 16.24 8.10 -3.12
CA PRO A 123 14.85 7.67 -3.32
C PRO A 123 13.79 8.54 -2.70
N ILE A 124 12.64 8.51 -3.35
CA ILE A 124 11.44 9.07 -2.80
C ILE A 124 10.61 7.81 -2.64
N PRO A 125 10.73 7.17 -1.46
CA PRO A 125 10.33 5.79 -1.32
C PRO A 125 8.78 5.61 -1.16
N VAL A 126 8.04 5.81 -2.22
CA VAL A 126 6.57 5.84 -2.15
C VAL A 126 5.95 4.53 -1.71
N GLY A 127 6.55 3.40 -2.09
CA GLY A 127 6.13 2.09 -1.59
C GLY A 127 6.26 2.02 -0.05
N GLU A 128 7.39 2.47 0.49
CA GLU A 128 7.59 2.43 1.94
C GLU A 128 6.69 3.40 2.67
N ILE A 129 6.44 4.57 2.07
CA ILE A 129 5.56 5.54 2.68
C ILE A 129 4.12 5.02 2.76
N TYR A 130 3.62 4.51 1.64
CA TYR A 130 2.27 3.98 1.57
C TYR A 130 2.16 2.82 2.52
N LYS A 131 3.19 1.98 2.55
CA LYS A 131 3.23 0.86 3.44
C LYS A 131 3.12 1.28 4.88
N ARG A 132 3.80 2.37 5.25
CA ARG A 132 3.67 2.94 6.62
CA ARG A 132 3.67 2.93 6.62
C ARG A 132 2.20 3.28 6.91
N TRP A 133 1.55 4.00 5.98
CA TRP A 133 0.12 4.34 6.16
C TRP A 133 -0.76 3.11 6.40
N ILE A 134 -0.54 2.10 5.58
CA ILE A 134 -1.30 0.86 5.66
C ILE A 134 -1.10 0.14 7.01
N ILE A 135 0.16 0.06 7.41
CA ILE A 135 0.46 -0.58 8.69
C ILE A 135 -0.12 0.21 9.86
N LEU A 136 -0.07 1.52 9.79
CA LEU A 136 -0.79 2.31 10.80
C LEU A 136 -2.28 1.93 10.83
N GLY A 137 -2.91 1.85 9.66
CA GLY A 137 -4.31 1.41 9.54
C GLY A 137 -4.59 0.01 10.13
N LEU A 138 -3.69 -0.92 9.85
CA LEU A 138 -3.87 -2.29 10.27
C LEU A 138 -3.70 -2.41 11.79
N ASN A 139 -2.81 -1.59 12.34
CA ASN A 139 -2.59 -1.63 13.79
C ASN A 139 -3.87 -1.19 14.48
N LYS A 140 -4.59 -0.22 13.89
CA LYS A 140 -5.84 0.28 14.49
C LYS A 140 -6.90 -0.80 14.36
N ILE A 141 -6.91 -1.52 13.23
CA ILE A 141 -7.88 -2.61 13.06
C ILE A 141 -7.60 -3.77 14.04
N VAL A 142 -6.35 -4.21 14.11
CA VAL A 142 -5.92 -5.27 15.01
C VAL A 142 -6.33 -4.92 16.47
N ARG A 143 -6.06 -3.69 16.86
CA ARG A 143 -6.42 -3.17 18.20
C ARG A 143 -7.91 -3.38 18.47
N MET A 144 -8.74 -2.92 17.53
CA MET A 144 -10.18 -3.12 17.55
C MET A 144 -10.65 -4.59 17.72
N TYR A 145 -9.93 -5.53 17.13
CA TYR A 145 -10.23 -6.97 17.25
C TYR A 145 -9.58 -7.63 18.44
N SER A 146 -8.90 -6.86 19.28
CA SER A 146 -8.18 -7.44 20.43
C SER A 146 -9.03 -7.82 21.66
N PRO B 1 -11.41 13.38 -0.41
CA PRO B 1 -10.40 12.40 0.01
C PRO B 1 -9.71 11.66 -1.14
N VAL B 2 -8.70 10.85 -0.80
CA VAL B 2 -8.02 10.02 -1.81
C VAL B 2 -8.93 8.83 -2.17
N LEU B 3 -9.51 8.22 -1.13
CA LEU B 3 -10.36 7.04 -1.26
C LEU B 3 -11.79 7.23 -0.70
N PHE B 4 -12.75 7.15 -1.60
CA PHE B 4 -14.16 7.20 -1.24
C PHE B 4 -14.66 5.85 -0.73
N PRO B 5 -15.69 5.86 0.13
CA PRO B 5 -16.21 4.56 0.60
C PRO B 5 -16.79 3.78 -0.58
N GLY B 6 -16.30 2.55 -0.77
CA GLY B 6 -16.60 1.82 -2.00
C GLY B 6 -15.99 2.56 -3.21
N GLN B 7 -14.69 2.80 -3.07
CA GLN B 7 -13.80 3.04 -4.19
C GLN B 7 -12.67 2.06 -3.85
N PRO B 8 -12.36 1.10 -4.74
CA PRO B 8 -11.27 0.20 -4.42
C PRO B 8 -9.97 0.95 -4.17
N PHE B 9 -9.14 0.34 -3.34
CA PHE B 9 -7.77 0.81 -3.16
C PHE B 9 -7.11 0.91 -4.54
N GLY B 10 -6.46 2.05 -4.83
CA GLY B 10 -5.77 2.22 -6.11
C GLY B 10 -6.64 2.72 -7.24
N GLN B 11 -7.95 2.66 -7.07
CA GLN B 11 -8.87 3.13 -8.13
C GLN B 11 -8.76 4.63 -8.36
N PRO B 12 -8.41 5.06 -9.60
CA PRO B 12 -8.44 6.50 -9.84
C PRO B 12 -9.88 7.03 -9.67
N PRO B 13 -10.02 8.27 -9.14
CA PRO B 13 -11.33 8.77 -8.88
C PRO B 13 -12.11 9.08 -10.14
N LEU B 14 -13.44 8.89 -10.11
CA LEU B 14 -14.29 9.17 -11.26
C LEU B 14 -14.41 10.65 -11.56
N GLY B 15 -14.30 11.51 -10.57
CA GLY B 15 -14.00 12.91 -10.84
C GLY B 15 -12.50 13.20 -10.78
#